data_8W47
#
_entry.id   8W47
#
_cell.length_a   43.319
_cell.length_b   84.150
_cell.length_c   63.201
_cell.angle_alpha   90.00
_cell.angle_beta   90.00
_cell.angle_gamma   90.00
#
_symmetry.space_group_name_H-M   'P 21 21 2'
#
loop_
_entity.id
_entity.type
_entity.pdbx_description
1 polymer Transthyretin
2 non-polymer 5-[(~{E})-2-(3-methoxy-4-oxidanyl-phenyl)ethenyl]benzene-1,3-diol
3 non-polymer 'SODIUM ION'
4 water water
#
_entity_poly.entity_id   1
_entity_poly.type   'polypeptide(L)'
_entity_poly.pdbx_seq_one_letter_code
;MRGSHHHHHHGSMASHRLLLLCLAGLVFVSEAGPTGTGESKCPLMVKVLDAVRGSPAINVAMHVFRKAADDTWEPFASGK
TSESGELHGLTTEEEFVEGIYKVEIDTKSYWKALGISPFHEHAEVVFTANDSGPRRYTIAALLSPYSYSTTAVVTNPKE
;
_entity_poly.pdbx_strand_id   A,B
#
loop_
_chem_comp.id
_chem_comp.type
_chem_comp.name
_chem_comp.formula
NA non-polymer 'SODIUM ION' 'Na 1'
P5O non-polymer 5-[(~{E})-2-(3-methoxy-4-oxidanyl-phenyl)ethenyl]benzene-1,3-diol 'C15 H14 O4'
#
# COMPACT_ATOMS: atom_id res chain seq x y z
N CYS A 42 3.83 4.86 -23.53
CA CYS A 42 3.63 4.06 -22.33
C CYS A 42 2.91 4.90 -21.28
N PRO A 43 1.59 4.72 -21.18
CA PRO A 43 0.81 5.51 -20.20
C PRO A 43 1.00 5.07 -18.77
N LEU A 44 1.46 3.85 -18.52
CA LEU A 44 1.65 3.35 -17.16
C LEU A 44 2.93 2.54 -17.14
N MET A 45 3.84 2.90 -16.24
CA MET A 45 5.08 2.16 -16.06
C MET A 45 5.30 2.00 -14.56
N VAL A 46 5.85 0.87 -14.14
CA VAL A 46 6.14 0.62 -12.73
C VAL A 46 7.62 0.28 -12.61
N LYS A 47 8.30 0.91 -11.65
CA LYS A 47 9.71 0.67 -11.40
C LYS A 47 9.89 0.29 -9.94
N VAL A 48 10.64 -0.78 -9.69
CA VAL A 48 10.77 -1.33 -8.36
C VAL A 48 12.25 -1.45 -8.02
N LEU A 49 12.63 -0.95 -6.85
CA LEU A 49 14.02 -0.92 -6.39
C LEU A 49 14.16 -1.69 -5.09
N ASP A 50 15.34 -2.26 -4.88
CA ASP A 50 15.65 -3.08 -3.71
C ASP A 50 16.58 -2.28 -2.80
N ALA A 51 16.09 -1.92 -1.61
CA ALA A 51 16.84 -1.11 -0.65
C ALA A 51 17.86 -1.89 0.16
N VAL A 52 17.80 -3.22 0.11
CA VAL A 52 18.75 -4.06 0.83
C VAL A 52 19.98 -4.30 -0.01
N ARG A 53 19.79 -4.64 -1.27
CA ARG A 53 20.88 -4.99 -2.16
C ARG A 53 21.37 -3.82 -3.01
N GLY A 54 20.67 -2.70 -3.04
CA GLY A 54 21.09 -1.56 -3.84
C GLY A 54 21.03 -1.87 -5.32
N SER A 55 19.90 -2.40 -5.76
CA SER A 55 19.77 -2.90 -7.12
C SER A 55 18.35 -2.67 -7.57
N PRO A 56 18.08 -2.71 -8.87
CA PRO A 56 16.70 -2.89 -9.30
C PRO A 56 16.16 -4.17 -8.70
N ALA A 57 14.86 -4.19 -8.47
CA ALA A 57 14.19 -5.41 -8.03
C ALA A 57 13.73 -6.14 -9.30
N ILE A 58 14.42 -7.21 -9.64
CA ILE A 58 14.27 -7.89 -10.92
C ILE A 58 13.30 -9.05 -10.77
N ASN A 59 12.49 -9.27 -11.81
CA ASN A 59 11.56 -10.40 -11.84
C ASN A 59 10.51 -10.32 -10.73
N VAL A 60 10.10 -9.10 -10.38
CA VAL A 60 9.03 -8.89 -9.42
C VAL A 60 7.70 -8.93 -10.17
N ALA A 61 6.81 -9.82 -9.76
CA ALA A 61 5.49 -9.93 -10.37
C ALA A 61 4.57 -8.84 -9.82
N MET A 62 3.67 -8.35 -10.68
CA MET A 62 2.65 -7.45 -10.19
C MET A 62 1.38 -7.63 -11.00
N HIS A 63 0.25 -7.34 -10.37
CA HIS A 63 -1.05 -7.39 -11.01
C HIS A 63 -1.74 -6.05 -10.87
N VAL A 64 -2.33 -5.58 -11.96
CA VAL A 64 -3.07 -4.33 -12.00
C VAL A 64 -4.55 -4.68 -12.11
N PHE A 65 -5.37 -4.02 -11.29
CA PHE A 65 -6.80 -4.19 -11.29
C PHE A 65 -7.45 -2.83 -11.51
N ARG A 66 -8.69 -2.87 -12.01
CA ARG A 66 -9.48 -1.67 -12.20
C ARG A 66 -10.83 -1.88 -11.56
N LYS A 67 -11.32 -0.88 -10.84
CA LYS A 67 -12.59 -1.01 -10.16
C LYS A 67 -13.74 -1.02 -11.15
N ALA A 68 -14.58 -2.04 -11.08
CA ALA A 68 -15.71 -2.17 -11.97
C ALA A 68 -16.90 -1.37 -11.44
N ALA A 69 -17.94 -1.27 -12.26
CA ALA A 69 -19.13 -0.49 -11.88
C ALA A 69 -19.80 -1.07 -10.64
N ASP A 70 -19.63 -2.37 -10.38
CA ASP A 70 -20.20 -3.00 -9.19
C ASP A 70 -19.24 -2.97 -8.00
N ASP A 71 -18.20 -2.14 -8.05
CA ASP A 71 -17.18 -1.97 -7.01
C ASP A 71 -16.28 -3.19 -6.85
N THR A 72 -16.29 -4.12 -7.79
CA THR A 72 -15.38 -5.25 -7.79
C THR A 72 -14.07 -4.86 -8.49
N TRP A 73 -12.98 -5.50 -8.07
CA TRP A 73 -11.69 -5.31 -8.72
C TRP A 73 -11.59 -6.25 -9.92
N GLU A 74 -11.58 -5.68 -11.12
CA GLU A 74 -11.44 -6.53 -12.30
C GLU A 74 -9.98 -6.61 -12.72
N PRO A 75 -9.51 -7.79 -13.12
CA PRO A 75 -8.14 -7.89 -13.64
C PRO A 75 -7.98 -6.98 -14.86
N PHE A 76 -6.89 -6.20 -14.86
CA PHE A 76 -6.60 -5.24 -15.92
C PHE A 76 -5.34 -5.58 -16.68
N ALA A 77 -4.24 -5.87 -16.00
CA ALA A 77 -2.98 -6.22 -16.65
C ALA A 77 -2.04 -6.82 -15.61
N SER A 78 -1.01 -7.49 -16.09
CA SER A 78 0.00 -8.02 -15.17
C SER A 78 1.32 -8.18 -15.92
N GLY A 79 2.39 -8.38 -15.15
CA GLY A 79 3.69 -8.59 -15.75
C GLY A 79 4.75 -8.69 -14.66
N LYS A 80 6.01 -8.76 -15.10
CA LYS A 80 7.15 -8.86 -14.19
C LYS A 80 8.18 -7.80 -14.57
N THR A 81 8.87 -7.26 -13.56
CA THR A 81 9.92 -6.28 -13.84
C THR A 81 11.09 -6.92 -14.58
N SER A 82 11.75 -6.10 -15.40
CA SER A 82 12.90 -6.49 -16.18
C SER A 82 14.18 -6.38 -15.35
N GLU A 83 15.32 -6.58 -16.00
CA GLU A 83 16.62 -6.41 -15.36
C GLU A 83 16.85 -4.99 -14.86
N SER A 84 16.13 -4.01 -15.41
CA SER A 84 16.23 -2.63 -14.94
C SER A 84 15.25 -2.32 -13.81
N GLY A 85 14.47 -3.32 -13.38
CA GLY A 85 13.46 -3.07 -12.38
C GLY A 85 12.20 -2.45 -12.91
N GLU A 86 12.07 -2.33 -14.23
CA GLU A 86 10.94 -1.64 -14.84
C GLU A 86 10.00 -2.63 -15.52
N LEU A 87 8.71 -2.29 -15.49
CA LEU A 87 7.70 -3.04 -16.21
C LEU A 87 7.01 -2.06 -17.13
N HIS A 88 7.24 -2.21 -18.43
CA HIS A 88 6.66 -1.40 -19.48
C HIS A 88 5.59 -2.19 -20.22
N GLY A 89 4.75 -1.47 -20.95
CA GLY A 89 3.80 -2.12 -21.84
C GLY A 89 2.58 -2.72 -21.19
N LEU A 90 2.28 -2.34 -19.94
CA LEU A 90 1.09 -2.89 -19.27
C LEU A 90 -0.19 -2.57 -20.01
N THR A 91 -0.29 -1.38 -20.60
CA THR A 91 -1.54 -0.94 -21.22
C THR A 91 -1.24 -0.03 -22.40
N THR A 92 -2.31 0.49 -23.00
CA THR A 92 -2.22 1.41 -24.11
C THR A 92 -3.03 2.66 -23.78
N GLU A 93 -2.80 3.73 -24.55
CA GLU A 93 -3.55 4.95 -24.36
C GLU A 93 -5.06 4.72 -24.50
N GLU A 94 -5.45 3.89 -25.47
CA GLU A 94 -6.86 3.64 -25.72
C GLU A 94 -7.51 2.87 -24.58
N GLU A 95 -6.79 1.89 -24.02
CA GLU A 95 -7.35 1.00 -23.01
C GLU A 95 -7.34 1.63 -21.62
N PHE A 96 -6.42 2.57 -21.37
CA PHE A 96 -6.20 3.13 -20.03
C PHE A 96 -7.15 4.31 -19.80
N VAL A 97 -8.42 3.98 -19.60
CA VAL A 97 -9.47 4.97 -19.43
C VAL A 97 -9.51 5.49 -18.00
N GLU A 98 -10.30 6.53 -17.76
CA GLU A 98 -10.58 6.98 -16.39
C GLU A 98 -10.98 5.79 -15.53
N GLY A 99 -10.50 5.76 -14.30
CA GLY A 99 -10.96 4.75 -13.37
C GLY A 99 -10.11 4.76 -12.13
N ILE A 100 -10.48 3.88 -11.21
CA ILE A 100 -9.68 3.63 -10.02
C ILE A 100 -8.89 2.35 -10.27
N TYR A 101 -7.58 2.44 -10.15
CA TYR A 101 -6.69 1.33 -10.46
C TYR A 101 -5.94 0.93 -9.20
N LYS A 102 -5.61 -0.36 -9.11
CA LYS A 102 -4.79 -0.89 -8.04
C LYS A 102 -3.62 -1.65 -8.65
N VAL A 103 -2.41 -1.26 -8.29
CA VAL A 103 -1.21 -2.03 -8.63
C VAL A 103 -0.80 -2.80 -7.40
N GLU A 104 -0.80 -4.12 -7.50
CA GLU A 104 -0.44 -5.01 -6.40
C GLU A 104 0.88 -5.68 -6.74
N ILE A 105 1.94 -5.29 -6.02
CA ILE A 105 3.29 -5.76 -6.31
C ILE A 105 3.60 -6.93 -5.40
N ASP A 106 3.97 -8.09 -5.98
CA ASP A 106 4.21 -9.30 -5.18
C ASP A 106 5.58 -9.23 -4.51
N THR A 107 5.66 -8.42 -3.45
CA THR A 107 6.91 -8.26 -2.72
C THR A 107 7.24 -9.50 -1.90
N LYS A 108 6.20 -10.22 -1.46
CA LYS A 108 6.45 -11.39 -0.61
C LYS A 108 7.26 -12.46 -1.33
N SER A 109 6.86 -12.80 -2.56
CA SER A 109 7.61 -13.81 -3.33
C SER A 109 9.03 -13.36 -3.60
N TYR A 110 9.22 -12.06 -3.86
CA TYR A 110 10.55 -11.52 -4.10
C TYR A 110 11.46 -11.76 -2.91
N TRP A 111 11.00 -11.41 -1.70
CA TRP A 111 11.85 -11.58 -0.52
C TRP A 111 12.04 -13.06 -0.20
N LYS A 112 10.98 -13.86 -0.32
CA LYS A 112 11.10 -15.28 0.01
C LYS A 112 12.12 -15.97 -0.89
N ALA A 113 12.19 -15.58 -2.15
CA ALA A 113 13.19 -16.17 -3.05
C ALA A 113 14.62 -15.85 -2.59
N LEU A 114 14.80 -14.77 -1.85
CA LEU A 114 16.11 -14.39 -1.30
C LEU A 114 16.34 -14.96 0.09
N GLY A 115 15.44 -15.82 0.60
CA GLY A 115 15.56 -16.37 1.92
C GLY A 115 15.08 -15.49 3.05
N ILE A 116 14.35 -14.41 2.74
CA ILE A 116 13.88 -13.45 3.72
C ILE A 116 12.39 -13.68 3.94
N SER A 117 11.97 -13.73 5.20
CA SER A 117 10.56 -13.78 5.52
C SER A 117 10.09 -12.35 5.76
N PRO A 118 9.37 -11.74 4.82
CA PRO A 118 9.08 -10.31 4.90
C PRO A 118 7.78 -10.05 5.65
N PHE A 119 7.54 -8.77 5.91
CA PHE A 119 6.36 -8.37 6.67
C PHE A 119 5.11 -8.35 5.81
N HIS A 120 5.16 -7.70 4.65
CA HIS A 120 3.97 -7.45 3.85
C HIS A 120 3.64 -8.62 2.94
N GLU A 121 2.34 -8.79 2.65
CA GLU A 121 1.93 -9.73 1.62
C GLU A 121 2.26 -9.18 0.24
N HIS A 122 2.10 -7.88 0.06
CA HIS A 122 2.38 -7.20 -1.18
C HIS A 122 2.46 -5.72 -0.87
N ALA A 123 2.94 -4.95 -1.84
CA ALA A 123 2.89 -3.51 -1.78
C ALA A 123 1.84 -3.09 -2.78
N GLU A 124 0.86 -2.32 -2.34
CA GLU A 124 -0.17 -1.95 -3.28
C GLU A 124 -0.36 -0.44 -3.33
N VAL A 125 -0.78 0.01 -4.49
CA VAL A 125 -0.90 1.40 -4.86
C VAL A 125 -2.27 1.55 -5.50
N VAL A 126 -3.17 2.31 -4.88
CA VAL A 126 -4.53 2.50 -5.36
C VAL A 126 -4.73 3.98 -5.68
N PHE A 127 -5.19 4.28 -6.90
CA PHE A 127 -5.24 5.67 -7.35
C PHE A 127 -6.29 5.84 -8.44
N THR A 128 -6.85 7.04 -8.52
CA THR A 128 -7.65 7.43 -9.67
C THR A 128 -6.73 7.89 -10.79
N ALA A 129 -7.01 7.43 -12.01
CA ALA A 129 -6.21 7.79 -13.17
C ALA A 129 -7.06 8.47 -14.23
N ASN A 130 -6.47 9.47 -14.89
CA ASN A 130 -7.01 10.05 -16.12
C ASN A 130 -8.33 10.78 -15.94
N ASP A 131 -8.68 11.17 -14.71
CA ASP A 131 -9.99 11.81 -14.53
C ASP A 131 -10.03 13.25 -15.02
N SER A 132 -8.87 13.85 -15.33
CA SER A 132 -8.81 15.19 -15.93
C SER A 132 -8.23 15.14 -17.33
N GLY A 133 -8.34 14.00 -18.00
CA GLY A 133 -7.73 13.81 -19.29
C GLY A 133 -6.52 12.89 -19.20
N PRO A 134 -5.96 12.52 -20.36
CA PRO A 134 -4.89 11.51 -20.37
C PRO A 134 -3.63 12.02 -19.69
N ARG A 135 -3.05 11.16 -18.86
CA ARG A 135 -1.76 11.43 -18.23
C ARG A 135 -0.89 10.19 -18.35
N ARG A 136 0.42 10.39 -18.21
CA ARG A 136 1.37 9.29 -18.14
C ARG A 136 1.78 9.13 -16.68
N TYR A 137 1.78 7.88 -16.20
CA TYR A 137 2.03 7.57 -14.81
C TYR A 137 3.24 6.67 -14.70
N THR A 138 4.18 7.05 -13.85
CA THR A 138 5.25 6.15 -13.40
C THR A 138 5.05 5.93 -11.91
N ILE A 139 4.86 4.68 -11.52
CA ILE A 139 4.76 4.30 -10.12
C ILE A 139 6.10 3.69 -9.74
N ALA A 140 6.74 4.22 -8.71
CA ALA A 140 7.98 3.66 -8.21
C ALA A 140 7.77 3.11 -6.82
N ALA A 141 8.47 2.02 -6.50
CA ALA A 141 8.40 1.41 -5.18
C ALA A 141 9.79 1.02 -4.76
N LEU A 142 10.15 1.34 -3.51
CA LEU A 142 11.46 1.03 -2.92
C LEU A 142 11.21 0.06 -1.78
N LEU A 143 11.78 -1.14 -1.88
CA LEU A 143 11.40 -2.27 -1.04
C LEU A 143 12.46 -2.62 -0.01
N SER A 144 12.02 -2.87 1.22
CA SER A 144 12.80 -3.50 2.28
C SER A 144 11.93 -4.60 2.90
N PRO A 145 12.53 -5.53 3.65
CA PRO A 145 11.71 -6.63 4.20
C PRO A 145 10.55 -6.19 5.07
N TYR A 146 10.71 -5.13 5.88
CA TYR A 146 9.63 -4.68 6.76
C TYR A 146 9.08 -3.30 6.39
N SER A 147 9.38 -2.81 5.19
CA SER A 147 9.02 -1.45 4.86
C SER A 147 8.97 -1.28 3.36
N TYR A 148 8.12 -0.36 2.90
CA TYR A 148 8.24 0.07 1.51
C TYR A 148 7.85 1.52 1.39
N SER A 149 8.41 2.17 0.38
CA SER A 149 8.06 3.53 0.00
C SER A 149 7.55 3.48 -1.43
N THR A 150 6.58 4.33 -1.74
CA THR A 150 6.08 4.39 -3.10
C THR A 150 5.76 5.83 -3.46
N THR A 151 6.02 6.20 -4.71
CA THR A 151 5.68 7.53 -5.20
C THR A 151 5.15 7.41 -6.62
N ALA A 152 4.57 8.49 -7.10
CA ALA A 152 4.07 8.56 -8.46
C ALA A 152 4.64 9.79 -9.14
N VAL A 153 5.01 9.63 -10.40
CA VAL A 153 5.36 10.74 -11.28
C VAL A 153 4.28 10.80 -12.34
N VAL A 154 3.54 11.91 -12.37
CA VAL A 154 2.40 12.08 -13.26
C VAL A 154 2.72 13.22 -14.20
N THR A 155 2.70 12.96 -15.51
CA THR A 155 3.06 13.96 -16.49
C THR A 155 1.94 14.11 -17.52
N ASN A 156 1.79 15.34 -18.02
CA ASN A 156 0.77 15.65 -19.01
C ASN A 156 1.44 15.66 -20.38
N PRO A 157 1.13 14.71 -21.26
CA PRO A 157 1.75 14.64 -22.60
C PRO A 157 1.23 15.73 -23.52
N CYS B 42 -0.43 -3.27 23.85
CA CYS B 42 -1.11 -2.91 22.61
C CYS B 42 -0.70 -3.85 21.47
N PRO B 43 -1.56 -4.82 21.18
CA PRO B 43 -1.23 -5.76 20.09
C PRO B 43 -1.10 -5.12 18.72
N LEU B 44 -1.84 -4.04 18.45
CA LEU B 44 -1.79 -3.40 17.14
C LEU B 44 -1.97 -1.90 17.34
N MET B 45 -0.98 -1.13 16.91
CA MET B 45 -1.05 0.33 16.97
C MET B 45 -0.63 0.87 15.60
N VAL B 46 -1.27 1.95 15.17
CA VAL B 46 -0.92 2.60 13.90
C VAL B 46 -0.56 4.04 14.19
N LYS B 47 0.57 4.49 13.64
CA LYS B 47 1.04 5.85 13.81
C LYS B 47 1.21 6.49 12.45
N VAL B 48 0.67 7.69 12.27
CA VAL B 48 0.63 8.34 10.97
C VAL B 48 1.26 9.72 11.09
N LEU B 49 2.19 10.02 10.19
CA LEU B 49 2.95 11.27 10.20
C LEU B 49 2.75 12.01 8.88
N ASP B 50 2.84 13.34 8.95
CA ASP B 50 2.63 14.22 7.81
C ASP B 50 3.99 14.77 7.40
N ALA B 51 4.45 14.39 6.20
CA ALA B 51 5.75 14.78 5.68
C ALA B 51 5.77 16.18 5.07
N VAL B 52 4.60 16.77 4.84
CA VAL B 52 4.51 18.12 4.29
C VAL B 52 4.59 19.15 5.40
N ARG B 53 3.90 18.91 6.50
CA ARG B 53 3.81 19.87 7.58
C ARG B 53 4.73 19.55 8.76
N GLY B 54 5.34 18.37 8.81
CA GLY B 54 6.22 18.04 9.92
C GLY B 54 5.47 17.87 11.22
N SER B 55 4.41 17.07 11.20
CA SER B 55 3.51 16.97 12.34
C SER B 55 2.92 15.57 12.36
N PRO B 56 2.36 15.14 13.48
CA PRO B 56 1.47 13.98 13.43
C PRO B 56 0.34 14.25 12.46
N ALA B 57 -0.16 13.19 11.83
CA ALA B 57 -1.36 13.29 11.02
C ALA B 57 -2.55 12.96 11.91
N ILE B 58 -3.31 13.99 12.28
CA ILE B 58 -4.37 13.89 13.28
C ILE B 58 -5.69 13.65 12.59
N ASN B 59 -6.57 12.88 13.24
CA ASN B 59 -7.93 12.65 12.75
C ASN B 59 -7.94 11.88 11.44
N VAL B 60 -6.94 11.04 11.22
CA VAL B 60 -6.89 10.20 10.02
C VAL B 60 -7.68 8.92 10.31
N ALA B 61 -8.70 8.67 9.49
CA ALA B 61 -9.54 7.51 9.65
C ALA B 61 -8.92 6.28 8.98
N MET B 62 -9.15 5.11 9.57
CA MET B 62 -8.70 3.88 8.95
C MET B 62 -9.59 2.72 9.40
N HIS B 63 -9.72 1.73 8.51
CA HIS B 63 -10.37 0.46 8.84
C HIS B 63 -9.35 -0.65 8.72
N VAL B 64 -9.53 -1.69 9.54
CA VAL B 64 -8.70 -2.88 9.52
C VAL B 64 -9.60 -4.05 9.15
N PHE B 65 -9.14 -4.88 8.22
CA PHE B 65 -9.86 -6.05 7.77
C PHE B 65 -8.99 -7.28 7.95
N ARG B 66 -9.65 -8.44 8.00
CA ARG B 66 -8.97 -9.72 8.10
C ARG B 66 -9.49 -10.60 6.98
N LYS B 67 -8.58 -11.25 6.25
CA LYS B 67 -8.98 -12.06 5.10
C LYS B 67 -9.76 -13.29 5.56
N ALA B 68 -10.92 -13.50 4.96
CA ALA B 68 -11.76 -14.66 5.29
C ALA B 68 -11.37 -15.86 4.42
N ALA B 69 -11.95 -17.01 4.77
CA ALA B 69 -11.62 -18.24 4.05
C ALA B 69 -11.99 -18.17 2.58
N ASP B 70 -13.00 -17.37 2.23
CA ASP B 70 -13.40 -17.17 0.85
C ASP B 70 -12.64 -16.04 0.16
N ASP B 71 -11.53 -15.59 0.76
CA ASP B 71 -10.69 -14.52 0.23
C ASP B 71 -11.37 -13.15 0.22
N THR B 72 -12.49 -13.00 0.92
CA THR B 72 -13.09 -11.69 1.10
C THR B 72 -12.48 -11.03 2.34
N TRP B 73 -12.62 -9.71 2.41
CA TRP B 73 -12.06 -8.93 3.51
C TRP B 73 -13.16 -8.71 4.56
N GLU B 74 -12.99 -9.33 5.72
CA GLU B 74 -13.94 -9.23 6.82
C GLU B 74 -13.60 -8.04 7.71
N PRO B 75 -14.57 -7.22 8.10
CA PRO B 75 -14.29 -6.13 9.04
C PRO B 75 -13.66 -6.65 10.34
N PHE B 76 -12.64 -5.94 10.81
CA PHE B 76 -11.94 -6.38 12.02
C PHE B 76 -11.81 -5.30 13.09
N ALA B 77 -11.44 -4.07 12.72
CA ALA B 77 -11.23 -2.99 13.67
C ALA B 77 -11.26 -1.69 12.89
N SER B 78 -11.31 -0.58 13.63
CA SER B 78 -11.21 0.74 12.97
C SER B 78 -11.01 1.83 14.01
N GLY B 79 -10.76 3.04 13.52
CA GLY B 79 -10.60 4.19 14.39
C GLY B 79 -10.00 5.35 13.63
N LYS B 80 -9.74 6.43 14.39
CA LYS B 80 -9.10 7.63 13.89
C LYS B 80 -7.88 7.96 14.74
N THR B 81 -6.84 8.51 14.11
CA THR B 81 -5.65 8.87 14.89
C THR B 81 -5.95 10.03 15.82
N SER B 82 -5.25 10.01 16.96
CA SER B 82 -5.34 11.03 17.99
C SER B 82 -4.48 12.24 17.63
N GLU B 83 -4.41 13.19 18.56
CA GLU B 83 -3.56 14.37 18.36
C GLU B 83 -2.09 14.02 18.26
N SER B 84 -1.68 12.83 18.73
CA SER B 84 -0.31 12.37 18.57
C SER B 84 -0.10 11.62 17.26
N GLY B 85 -1.12 11.51 16.42
CA GLY B 85 -1.03 10.74 15.21
C GLY B 85 -1.14 9.23 15.43
N GLU B 86 -1.55 8.80 16.61
CA GLU B 86 -1.54 7.38 16.96
C GLU B 86 -2.96 6.88 17.14
N LEU B 87 -3.17 5.63 16.74
CA LEU B 87 -4.43 4.93 16.97
C LEU B 87 -4.12 3.67 17.76
N HIS B 88 -4.52 3.66 19.03
CA HIS B 88 -4.34 2.56 19.96
C HIS B 88 -5.69 1.87 20.18
N GLY B 89 -5.63 0.71 20.82
CA GLY B 89 -6.85 0.04 21.24
C GLY B 89 -7.66 -0.61 20.14
N LEU B 90 -7.02 -0.91 19.00
CA LEU B 90 -7.73 -1.53 17.88
C LEU B 90 -8.23 -2.92 18.21
N THR B 91 -7.45 -3.69 18.97
CA THR B 91 -7.80 -5.08 19.22
C THR B 91 -7.23 -5.50 20.58
N THR B 92 -7.44 -6.76 20.93
CA THR B 92 -6.86 -7.35 22.13
C THR B 92 -6.03 -8.56 21.71
N GLU B 93 -5.16 -9.01 22.61
CA GLU B 93 -4.31 -10.14 22.27
C GLU B 93 -5.14 -11.37 21.93
N GLU B 94 -6.22 -11.62 22.67
CA GLU B 94 -7.02 -12.83 22.47
C GLU B 94 -7.76 -12.81 21.14
N GLU B 95 -8.19 -11.64 20.68
CA GLU B 95 -8.93 -11.55 19.43
C GLU B 95 -8.03 -11.53 18.20
N PHE B 96 -6.76 -11.19 18.38
CA PHE B 96 -5.83 -10.90 17.28
C PHE B 96 -5.01 -12.17 17.07
N VAL B 97 -5.51 -13.06 16.21
CA VAL B 97 -4.87 -14.34 15.95
C VAL B 97 -4.31 -14.36 14.54
N GLU B 98 -3.74 -15.50 14.14
CA GLU B 98 -3.16 -15.61 12.81
C GLU B 98 -4.18 -15.22 11.75
N GLY B 99 -3.70 -14.48 10.76
CA GLY B 99 -4.52 -14.09 9.63
C GLY B 99 -3.73 -13.14 8.76
N ILE B 100 -4.32 -12.84 7.61
CA ILE B 100 -3.82 -11.76 6.77
C ILE B 100 -4.70 -10.56 7.07
N TYR B 101 -4.07 -9.45 7.45
CA TYR B 101 -4.75 -8.23 7.85
C TYR B 101 -4.44 -7.12 6.87
N LYS B 102 -5.43 -6.25 6.65
CA LYS B 102 -5.27 -5.08 5.81
C LYS B 102 -5.65 -3.85 6.61
N VAL B 103 -4.73 -2.91 6.75
CA VAL B 103 -5.03 -1.59 7.30
C VAL B 103 -5.22 -0.65 6.12
N GLU B 104 -6.41 -0.08 5.99
CA GLU B 104 -6.74 0.81 4.89
C GLU B 104 -6.92 2.22 5.47
N ILE B 105 -5.96 3.09 5.19
CA ILE B 105 -5.88 4.42 5.79
C ILE B 105 -6.44 5.43 4.81
N ASP B 106 -7.45 6.20 5.23
CA ASP B 106 -8.08 7.18 4.33
C ASP B 106 -7.21 8.45 4.26
N THR B 107 -6.13 8.33 3.49
CA THR B 107 -5.24 9.47 3.26
C THR B 107 -5.87 10.51 2.33
N LYS B 108 -6.78 10.09 1.46
CA LYS B 108 -7.39 11.02 0.52
C LYS B 108 -8.18 12.10 1.26
N SER B 109 -8.98 11.69 2.25
CA SER B 109 -9.77 12.68 2.99
C SER B 109 -8.87 13.62 3.77
N TYR B 110 -7.75 13.10 4.28
CA TYR B 110 -6.80 13.92 5.02
C TYR B 110 -6.25 15.04 4.15
N TRP B 111 -5.78 14.70 2.93
CA TRP B 111 -5.21 15.71 2.05
C TRP B 111 -6.29 16.66 1.53
N LYS B 112 -7.47 16.12 1.22
CA LYS B 112 -8.55 16.97 0.71
C LYS B 112 -8.93 18.05 1.71
N ALA B 113 -8.92 17.71 2.99
CA ALA B 113 -9.25 18.71 4.02
C ALA B 113 -8.21 19.83 4.07
N LEU B 114 -7.00 19.59 3.59
CA LEU B 114 -5.96 20.61 3.50
C LEU B 114 -5.92 21.28 2.14
N GLY B 115 -6.93 21.03 1.28
CA GLY B 115 -6.97 21.65 -0.02
C GLY B 115 -6.01 21.06 -1.03
N ILE B 116 -5.56 19.83 -0.82
CA ILE B 116 -4.57 19.18 -1.66
C ILE B 116 -5.24 18.01 -2.36
N SER B 117 -5.04 17.91 -3.67
CA SER B 117 -5.57 16.78 -4.44
C SER B 117 -4.49 15.71 -4.49
N PRO B 118 -4.63 14.64 -3.72
CA PRO B 118 -3.55 13.65 -3.62
C PRO B 118 -3.64 12.57 -4.69
N PHE B 119 -2.58 11.79 -4.77
CA PHE B 119 -2.52 10.72 -5.76
C PHE B 119 -3.35 9.50 -5.34
N HIS B 120 -3.19 9.03 -4.10
CA HIS B 120 -3.74 7.75 -3.70
C HIS B 120 -5.17 7.88 -3.20
N GLU B 121 -5.96 6.84 -3.46
CA GLU B 121 -7.27 6.72 -2.83
C GLU B 121 -7.13 6.48 -1.33
N HIS B 122 -6.14 5.69 -0.95
CA HIS B 122 -5.86 5.39 0.44
C HIS B 122 -4.46 4.81 0.48
N ALA B 123 -3.92 4.65 1.68
CA ALA B 123 -2.69 3.90 1.90
C ALA B 123 -3.08 2.59 2.54
N GLU B 124 -2.62 1.49 1.99
CA GLU B 124 -2.98 0.22 2.59
C GLU B 124 -1.75 -0.61 2.90
N VAL B 125 -1.85 -1.33 3.99
CA VAL B 125 -0.77 -2.12 4.53
C VAL B 125 -1.35 -3.52 4.76
N VAL B 126 -0.85 -4.50 4.02
CA VAL B 126 -1.38 -5.86 4.05
C VAL B 126 -0.28 -6.78 4.52
N PHE B 127 -0.56 -7.56 5.56
CA PHE B 127 0.47 -8.36 6.21
C PHE B 127 -0.13 -9.56 6.94
N THR B 128 0.64 -10.63 7.03
CA THR B 128 0.28 -11.73 7.92
C THR B 128 0.73 -11.40 9.34
N ALA B 129 -0.13 -11.67 10.31
CA ALA B 129 0.18 -11.43 11.71
C ALA B 129 -0.09 -12.68 12.52
N ASN B 130 0.70 -12.84 13.59
CA ASN B 130 0.51 -13.87 14.61
C ASN B 130 0.72 -15.30 14.13
N ASP B 131 1.40 -15.47 12.99
CA ASP B 131 1.63 -16.81 12.44
C ASP B 131 2.51 -17.64 13.36
N SER B 132 3.35 -17.00 14.16
CA SER B 132 4.17 -17.68 15.15
C SER B 132 3.72 -17.37 16.57
N GLY B 133 2.41 -17.18 16.74
CA GLY B 133 1.86 -16.78 18.02
C GLY B 133 1.83 -15.27 18.15
N PRO B 134 1.31 -14.79 19.27
CA PRO B 134 1.16 -13.34 19.46
C PRO B 134 2.46 -12.56 19.26
N ARG B 135 2.31 -11.41 18.61
CA ARG B 135 3.33 -10.38 18.59
C ARG B 135 2.63 -9.04 18.76
N ARG B 136 3.40 -8.03 19.12
CA ARG B 136 2.91 -6.66 19.14
C ARG B 136 3.39 -5.95 17.89
N TYR B 137 2.47 -5.27 17.20
CA TYR B 137 2.73 -4.65 15.91
C TYR B 137 2.49 -3.16 16.01
N THR B 138 3.48 -2.37 15.60
CA THR B 138 3.30 -0.96 15.33
C THR B 138 3.48 -0.75 13.83
N ILE B 139 2.46 -0.21 13.19
CA ILE B 139 2.52 0.14 11.77
C ILE B 139 2.67 1.65 11.72
N ALA B 140 3.71 2.13 11.07
CA ALA B 140 3.89 3.56 10.88
C ALA B 140 3.71 3.91 9.40
N ALA B 141 3.09 5.05 9.13
CA ALA B 141 2.91 5.54 7.77
C ALA B 141 3.30 7.02 7.73
N LEU B 142 4.15 7.37 6.76
CA LEU B 142 4.61 8.74 6.55
C LEU B 142 4.03 9.22 5.23
N LEU B 143 3.19 10.25 5.28
CA LEU B 143 2.34 10.64 4.16
C LEU B 143 2.82 11.90 3.45
N SER B 144 2.83 11.85 2.13
CA SER B 144 2.93 13.01 1.25
C SER B 144 1.81 12.93 0.21
N PRO B 145 1.51 14.03 -0.48
CA PRO B 145 0.39 14.00 -1.44
C PRO B 145 0.54 12.96 -2.54
N TYR B 146 1.75 12.74 -3.05
CA TYR B 146 1.96 11.77 -4.13
C TYR B 146 2.77 10.55 -3.70
N SER B 147 2.96 10.36 -2.40
CA SER B 147 3.85 9.30 -1.96
C SER B 147 3.49 8.90 -0.55
N TYR B 148 3.75 7.64 -0.22
CA TYR B 148 3.77 7.27 1.20
C TYR B 148 4.83 6.22 1.45
N SER B 149 5.30 6.20 2.69
CA SER B 149 6.26 5.22 3.19
C SER B 149 5.62 4.56 4.39
N THR B 150 5.87 3.26 4.55
CA THR B 150 5.34 2.56 5.70
C THR B 150 6.36 1.55 6.19
N THR B 151 6.39 1.36 7.51
CA THR B 151 7.25 0.34 8.10
C THR B 151 6.50 -0.29 9.25
N ALA B 152 7.01 -1.43 9.69
CA ALA B 152 6.44 -2.15 10.83
C ALA B 152 7.53 -2.36 11.87
N VAL B 153 7.14 -2.23 13.13
CA VAL B 153 7.95 -2.64 14.27
C VAL B 153 7.20 -3.79 14.93
N VAL B 154 7.82 -4.97 14.95
CA VAL B 154 7.19 -6.18 15.46
C VAL B 154 7.99 -6.66 16.64
N THR B 155 7.34 -6.80 17.80
CA THR B 155 8.02 -7.14 19.03
C THR B 155 7.39 -8.37 19.67
N ASN B 156 8.24 -9.23 20.23
CA ASN B 156 7.75 -10.44 20.89
C ASN B 156 7.48 -10.13 22.35
N PRO B 157 6.26 -10.38 22.86
CA PRO B 157 5.92 -10.15 24.27
C PRO B 157 6.57 -11.19 25.18
CAA P5O C . 12.59 6.27 -8.96
CAB P5O C . 13.91 5.93 -9.30
CAC P5O C . 11.68 6.58 -9.97
CAD P5O C . 14.28 5.90 -10.65
CAE P5O C . 12.05 6.53 -11.31
CAF P5O C . 13.35 6.19 -11.64
CAG P5O C . 12.14 6.33 -7.63
CAH P5O C . 13.14 6.11 -6.50
CAI P5O C . 12.68 6.17 -5.18
CAJ P5O C . 11.36 5.91 -4.82
CAK P5O C . 13.58 6.52 -4.16
CAL P5O C . 10.95 5.98 -3.49
CAM P5O C . 13.17 6.59 -2.83
CAN P5O C . 11.85 6.32 -2.49
CAS P5O C . 16.41 5.20 -10.02
OAO P5O C . 9.65 5.72 -3.16
OAP P5O C . 14.07 6.92 -1.86
OAQ P5O C . 13.79 6.13 -12.93
OAR P5O C . 15.53 5.57 -11.09
NA NA D . -13.28 14.57 -15.25
CAA P5O E . 8.37 7.47 13.46
CAB P5O E . 7.98 6.28 14.08
CAC P5O E . 8.41 8.65 14.19
CAD P5O E . 7.62 6.32 15.44
CAE P5O E . 8.07 8.69 15.53
CAF P5O E . 7.67 7.51 16.15
CAG P5O E . 8.75 7.54 12.11
CAH P5O E . 8.41 6.35 11.19
CAI P5O E . 8.83 6.46 9.86
CAJ P5O E . 9.82 7.34 9.45
CAK P5O E . 8.25 5.63 8.89
CAL P5O E . 10.23 7.41 8.12
CAM P5O E . 8.65 5.70 7.56
CAN P5O E . 9.64 6.60 7.17
CAS P5O E . 7.10 4.02 15.40
OAO P5O E . 11.20 8.29 7.74
OAP P5O E . 8.07 4.89 6.62
OAQ P5O E . 7.31 7.47 17.46
OAR P5O E . 7.22 5.22 16.16
NA NA F . 3.97 -20.53 12.12
#